data_2C93
#
_entry.id   2C93
#
_cell.length_a   70.657
_cell.length_b   71.561
_cell.length_c   71.960
_cell.angle_alpha   90.00
_cell.angle_beta   100.65
_cell.angle_gamma   90.00
#
_symmetry.space_group_name_H-M   'C 1 2 1'
#
loop_
_entity.id
_entity.type
_entity.pdbx_description
1 polymer 'THROMBIN, LIGHT CHAIN'
2 polymer 'THROMBIN HEAVY CHAIN'
3 polymer 'HIRUDIN VARIANT-2'
4 non-polymer 'DIMETHYL SULFOXIDE'
5 non-polymer 'SODIUM ION'
6 non-polymer N-[(2R,3S)-3-AMINO-2-HYDROXY-4-PHENYLBUTYL]-4-METHOXY-2,3,6-TRIMETHYLBENZENESULFONAMIDE
7 water water
#
loop_
_entity_poly.entity_id
_entity_poly.type
_entity_poly.pdbx_seq_one_letter_code
_entity_poly.pdbx_strand_id
1 'polypeptide(L)' TFGSGEADCGLRPLFEKKSLEDKTERELLESYIDGR A
2 'polypeptide(L)'
;IVEGSDAEIGMSPWQVMLFRKSPQELLCGASLISDRWVLTAAHCLLYPPWDKNFTENDLLVRIGKHSRTRYERNIEKISM
LEKIYIHPRYNWRENLDRDIALMKLKKPVAFSDYIHPVCLPDRETAASLLQAGYKGRVTGWGNLKETWTANVGKGQPSVL
QVVNLPIVERPVCKDSTRIRITDNMFCAGYKPDEGKRGDACEGDSGGPFVMKSPFNNRWYQMGIVSWGEGCDRDGKYGFY
THVFRLKKWIQKVIDQFGE
;
B
3 'polypeptide(L)' GDFEEIPEE(TYS)LQ I
#
loop_
_chem_comp.id
_chem_comp.type
_chem_comp.name
_chem_comp.formula
C4M non-polymer N-[(2R,3S)-3-AMINO-2-HYDROXY-4-PHENYLBUTYL]-4-METHOXY-2,3,6-TRIMETHYLBENZENESULFONAMIDE 'C20 H28 N2 O4 S'
DMS non-polymer 'DIMETHYL SULFOXIDE' 'C2 H6 O S'
NA non-polymer 'SODIUM ION' 'Na 1'
#
# COMPACT_ATOMS: atom_id res chain seq x y z
N GLY A 5 12.32 0.59 13.75
CA GLY A 5 10.86 0.87 13.59
C GLY A 5 10.26 1.45 14.85
N GLU A 6 9.03 1.98 14.73
CA GLU A 6 8.32 2.53 15.88
C GLU A 6 7.89 1.41 16.83
N ALA A 7 8.15 1.61 18.13
CA ALA A 7 8.01 0.58 19.15
C ALA A 7 6.80 -0.35 18.94
N ASP A 8 5.65 0.23 18.60
CA ASP A 8 4.41 -0.52 18.57
C ASP A 8 3.89 -0.82 17.15
N CYS A 9 4.78 -0.77 16.17
CA CYS A 9 4.37 -0.84 14.78
C CYS A 9 3.82 -2.23 14.45
N GLY A 10 2.86 -2.28 13.56
CA GLY A 10 2.37 -3.52 13.02
C GLY A 10 1.53 -4.34 13.97
N LEU A 11 1.15 -3.74 15.10
CA LEU A 11 0.31 -4.45 16.08
C LEU A 11 -1.01 -3.72 16.07
N ARG A 12 -2.05 -4.37 15.54
CA ARG A 12 -3.33 -3.73 15.32
C ARG A 12 -4.17 -3.67 16.59
N PRO A 13 -4.63 -2.47 16.96
CA PRO A 13 -5.49 -2.38 18.14
C PRO A 13 -6.66 -3.37 18.18
N LEU A 14 -7.33 -3.61 17.06
CA LEU A 14 -8.51 -4.47 17.08
C LEU A 14 -8.22 -5.94 16.81
N PHE A 15 -6.94 -6.27 16.65
CA PHE A 15 -6.53 -7.64 16.40
C PHE A 15 -5.39 -8.04 17.34
N GLU A 16 -4.13 -7.86 16.91
CA GLU A 16 -3.01 -8.34 17.73
C GLU A 16 -3.10 -7.79 19.15
N LYS A 17 -3.40 -6.51 19.32
CA LYS A 17 -3.40 -5.95 20.66
C LYS A 17 -4.40 -6.65 21.60
N LYS A 18 -5.49 -7.19 21.03
CA LYS A 18 -6.58 -7.84 21.79
C LYS A 18 -6.52 -9.35 21.69
N SER A 19 -5.55 -9.87 20.95
CA SER A 19 -5.45 -11.28 20.64
C SER A 19 -6.71 -11.79 19.91
N LEU A 20 -7.18 -11.01 18.94
CA LEU A 20 -8.10 -11.53 17.95
C LEU A 20 -7.42 -11.73 16.58
N GLU A 21 -7.91 -12.71 15.83
CA GLU A 21 -7.36 -13.11 14.54
C GLU A 21 -8.32 -12.59 13.53
N ASP A 22 -7.86 -12.00 12.43
CA ASP A 22 -8.76 -11.70 11.33
C ASP A 22 -9.07 -12.99 10.56
N LYS A 23 -9.99 -12.91 9.62
CA LYS A 23 -10.56 -14.11 9.00
C LYS A 23 -9.62 -14.84 8.01
N THR A 24 -8.58 -14.18 7.50
CA THR A 24 -7.69 -14.83 6.52
C THR A 24 -6.20 -14.76 6.85
N GLU A 25 -5.83 -14.20 8.00
CA GLU A 25 -4.41 -14.13 8.33
C GLU A 25 -3.74 -15.51 8.44
N ARG A 26 -4.50 -16.52 8.83
CA ARG A 26 -3.99 -17.90 8.91
C ARG A 26 -3.55 -18.43 7.53
N GLU A 27 -4.24 -18.03 6.46
CA GLU A 27 -3.81 -18.37 5.11
C GLU A 27 -2.37 -17.89 4.86
N LEU A 28 -2.01 -16.76 5.45
CA LEU A 28 -0.63 -16.24 5.32
C LEU A 28 0.36 -17.11 6.11
N LEU A 29 0.02 -17.43 7.36
CA LEU A 29 0.90 -18.27 8.23
C LEU A 29 1.15 -19.63 7.58
N GLU A 30 0.08 -20.20 7.04
CA GLU A 30 0.15 -21.50 6.40
C GLU A 30 1.02 -21.51 5.14
N SER A 31 1.18 -20.36 4.48
CA SER A 31 2.08 -20.25 3.31
C SER A 31 3.56 -20.15 3.69
N TYR A 32 3.86 -19.83 4.95
CA TYR A 32 5.22 -19.56 5.38
C TYR A 32 5.91 -20.84 5.76
N ILE A 33 6.07 -21.72 4.77
CA ILE A 33 6.61 -23.06 5.01
C ILE A 33 8.14 -23.07 4.98
N ILE B 1 -9.27 -3.54 -6.05
CA ILE B 1 -8.86 -4.96 -5.87
C ILE B 1 -9.83 -5.82 -6.67
N VAL B 2 -9.31 -6.74 -7.47
CA VAL B 2 -10.14 -7.72 -8.20
C VAL B 2 -10.18 -9.06 -7.45
N GLU B 3 -11.36 -9.67 -7.38
CA GLU B 3 -11.57 -10.95 -6.70
C GLU B 3 -11.11 -10.96 -5.23
N GLY B 4 -11.29 -9.84 -4.53
CA GLY B 4 -10.99 -9.77 -3.10
C GLY B 4 -12.26 -9.93 -2.29
N SER B 5 -12.20 -9.46 -1.06
CA SER B 5 -13.37 -9.43 -0.19
C SER B 5 -13.34 -8.13 0.62
N ASP B 6 -14.45 -7.82 1.28
CA ASP B 6 -14.52 -6.69 2.19
C ASP B 6 -13.52 -6.88 3.31
N ALA B 7 -12.73 -5.83 3.59
CA ALA B 7 -11.90 -5.80 4.78
C ALA B 7 -12.75 -5.83 6.04
N GLU B 8 -12.23 -6.43 7.12
CA GLU B 8 -12.85 -6.25 8.46
C GLU B 8 -12.50 -4.88 9.02
N ILE B 9 -13.27 -4.41 9.99
CA ILE B 9 -13.02 -3.11 10.61
C ILE B 9 -11.68 -3.19 11.34
N GLY B 10 -10.83 -2.18 11.16
CA GLY B 10 -9.51 -2.14 11.80
C GLY B 10 -8.49 -3.15 11.32
N MET B 11 -8.78 -3.79 10.18
CA MET B 11 -7.92 -4.85 9.64
C MET B 11 -6.65 -4.29 9.03
N SER B 12 -6.72 -3.06 8.53
CA SER B 12 -5.59 -2.44 7.85
C SER B 12 -5.45 -1.00 8.32
N PRO B 13 -5.09 -0.81 9.61
CA PRO B 13 -5.17 0.53 10.21
C PRO B 13 -4.09 1.50 9.74
N TRP B 14 -3.15 0.99 8.95
CA TRP B 14 -2.13 1.80 8.30
C TRP B 14 -2.56 2.24 6.89
N GLN B 15 -3.71 1.80 6.41
CA GLN B 15 -4.17 2.18 5.03
C GLN B 15 -4.57 3.64 4.97
N VAL B 16 -4.05 4.33 3.97
CA VAL B 16 -4.28 5.75 3.76
C VAL B 16 -4.91 5.92 2.38
N MET B 17 -5.82 6.88 2.27
CA MET B 17 -6.37 7.29 0.97
C MET B 17 -5.70 8.59 0.57
N LEU B 18 -5.18 8.62 -0.66
CA LEU B 18 -4.63 9.83 -1.27
C LEU B 18 -5.79 10.46 -2.00
N PHE B 19 -6.15 11.68 -1.63
CA PHE B 19 -7.42 12.23 -2.08
C PHE B 19 -7.17 13.60 -2.71
N ARG B 20 -7.65 13.78 -3.95
CA ARG B 20 -7.51 15.05 -4.66
C ARG B 20 -8.52 16.06 -4.10
N LYS B 21 -8.07 17.30 -3.94
CA LYS B 21 -8.89 18.37 -3.36
C LYS B 21 -9.98 18.85 -4.30
N SER B 22 -9.60 19.09 -5.56
CA SER B 22 -10.52 19.59 -6.59
C SER B 22 -10.13 19.08 -7.98
N PRO B 23 -10.96 18.25 -8.61
CA PRO B 23 -12.21 17.65 -8.10
C PRO B 23 -11.93 16.63 -6.98
N GLN B 24 -12.95 16.32 -6.20
CA GLN B 24 -12.80 15.46 -5.04
C GLN B 24 -12.79 14.04 -5.52
N GLU B 25 -11.62 13.40 -5.47
CA GLU B 25 -11.48 12.05 -5.99
C GLU B 25 -10.33 11.26 -5.35
N LEU B 26 -10.48 9.94 -5.41
CA LEU B 26 -9.49 9.02 -4.94
C LEU B 26 -8.38 9.01 -5.98
N LEU B 27 -7.15 9.28 -5.55
CA LEU B 27 -6.02 9.20 -6.47
C LEU B 27 -5.35 7.85 -6.36
N CYS B 28 -5.04 7.45 -5.12
CA CYS B 28 -4.23 6.27 -4.88
C CYS B 28 -4.39 5.80 -3.45
N GLY B 29 -3.83 4.63 -3.15
CA GLY B 29 -3.62 4.21 -1.79
C GLY B 29 -2.28 4.70 -1.30
N ALA B 30 -1.96 4.31 -0.08
CA ALA B 30 -0.77 4.79 0.61
C ALA B 30 -0.76 4.12 1.98
N SER B 31 0.29 4.36 2.77
CA SER B 31 0.42 3.73 4.08
C SER B 31 1.06 4.64 5.13
N LEU B 32 0.60 4.49 6.38
CA LEU B 32 1.11 5.19 7.54
C LEU B 32 2.27 4.44 8.18
N ILE B 33 3.47 5.02 8.12
CA ILE B 33 4.68 4.43 8.72
C ILE B 33 5.18 5.15 10.00
N SER B 34 4.57 6.29 10.34
CA SER B 34 4.80 6.96 11.65
C SER B 34 3.65 7.96 11.81
N ASP B 35 3.69 8.80 12.85
CA ASP B 35 2.62 9.80 13.05
C ASP B 35 2.68 10.96 12.06
N ARG B 36 3.82 11.14 11.39
CA ARG B 36 3.95 12.23 10.40
C ARG B 36 4.42 11.83 9.01
N TRP B 37 4.54 10.54 8.74
CA TRP B 37 5.07 10.07 7.44
C TRP B 37 4.19 9.01 6.81
N VAL B 38 3.90 9.22 5.53
CA VAL B 38 3.07 8.35 4.73
C VAL B 38 3.83 7.94 3.47
N LEU B 39 3.78 6.65 3.14
CA LEU B 39 4.51 6.08 2.03
C LEU B 39 3.53 5.78 0.91
N THR B 40 3.95 6.03 -0.32
CA THR B 40 3.13 5.71 -1.48
C THR B 40 4.02 5.44 -2.69
N ALA B 41 3.39 5.28 -3.83
CA ALA B 41 4.08 5.07 -5.10
C ALA B 41 4.35 6.44 -5.75
N ALA B 42 5.57 6.66 -6.22
CA ALA B 42 5.94 7.88 -6.97
C ALA B 42 4.96 8.26 -8.07
N HIS B 43 4.45 7.27 -8.78
CA HIS B 43 3.61 7.57 -9.93
C HIS B 43 2.24 8.10 -9.56
N CYS B 44 1.85 7.97 -8.31
CA CYS B 44 0.61 8.55 -7.79
C CYS B 44 0.69 10.08 -7.71
N LEU B 45 1.93 10.58 -7.65
CA LEU B 45 2.23 12.01 -7.55
C LEU B 45 2.84 12.58 -8.84
N LEU B 46 3.64 11.78 -9.55
CA LEU B 46 4.41 12.23 -10.72
C LEU B 46 4.40 11.21 -11.85
N TYR B 47 3.73 11.54 -12.94
CA TYR B 47 3.79 10.76 -14.15
C TYR B 47 3.61 11.68 -15.37
N PRO B 48 4.71 12.32 -15.82
CA PRO B 48 4.63 13.30 -16.91
C PRO B 48 3.92 12.84 -18.18
N PRO B 49 4.07 11.57 -18.60
CA PRO B 49 3.37 11.15 -19.82
C PRO B 49 1.88 11.48 -19.83
N TRP B 50 1.23 11.43 -18.66
CA TRP B 50 -0.19 11.71 -18.56
C TRP B 50 -0.44 13.06 -17.89
N ASP B 51 0.56 13.94 -17.92
CA ASP B 51 0.50 15.27 -17.28
C ASP B 51 0.17 15.26 -15.76
N LYS B 52 0.60 14.21 -15.05
CA LYS B 52 0.45 14.15 -13.60
C LYS B 52 1.70 14.71 -12.94
N ASN B 53 1.52 15.80 -12.19
CA ASN B 53 2.55 16.38 -11.34
C ASN B 53 1.93 17.15 -10.16
N PHE B 54 1.46 16.43 -9.15
CA PHE B 54 0.85 17.07 -7.98
C PHE B 54 1.87 17.77 -7.08
N THR B 55 1.47 18.92 -6.53
CA THR B 55 2.20 19.54 -5.43
C THR B 55 1.43 19.29 -4.13
N GLU B 56 2.02 19.71 -3.02
CA GLU B 56 1.49 19.46 -1.70
C GLU B 56 0.04 19.94 -1.58
N ASN B 57 -0.21 21.14 -2.08
CA ASN B 57 -1.52 21.77 -1.89
C ASN B 57 -2.65 21.19 -2.74
N ASP B 58 -2.31 20.35 -3.70
CA ASP B 58 -3.31 19.66 -4.50
C ASP B 58 -4.03 18.53 -3.75
N LEU B 59 -3.45 18.11 -2.62
CA LEU B 59 -3.70 16.76 -2.06
C LEU B 59 -4.08 16.74 -0.59
N LEU B 60 -4.88 15.73 -0.23
CA LEU B 60 -5.11 15.36 1.16
C LEU B 60 -4.85 13.87 1.37
N VAL B 61 -4.46 13.51 2.60
CA VAL B 61 -4.44 12.11 3.02
C VAL B 61 -5.55 11.85 4.04
N ARG B 62 -6.33 10.78 3.79
CA ARG B 62 -7.43 10.36 4.68
C ARG B 62 -7.08 9.02 5.32
N ILE B 63 -6.96 9.04 6.64
CA ILE B 63 -6.47 7.91 7.40
C ILE B 63 -7.59 7.35 8.29
N GLY B 64 -7.58 6.05 8.52
CA GLY B 64 -8.56 5.41 9.40
C GLY B 64 -9.87 5.01 8.73
N LYS B 65 -9.86 4.95 7.40
CA LYS B 65 -11.09 4.75 6.62
C LYS B 65 -11.39 3.29 6.35
N HIS B 66 -12.68 3.04 6.11
CA HIS B 66 -13.22 1.76 5.68
C HIS B 66 -14.07 1.95 4.42
N SER B 67 -15.07 2.82 4.53
CA SER B 67 -15.90 3.20 3.40
C SER B 67 -15.09 4.03 2.42
N ARG B 68 -15.27 3.79 1.12
CA ARG B 68 -14.62 4.57 0.08
C ARG B 68 -15.11 6.01 0.03
N THR B 69 -16.43 6.18 -0.12
CA THR B 69 -17.01 7.49 -0.47
C THR B 69 -17.48 8.32 0.71
N ARG B 70 -17.80 7.69 1.84
CA ARG B 70 -18.41 8.41 2.95
C ARG B 70 -17.37 9.19 3.76
N TYR B 71 -17.79 10.33 4.32
CA TYR B 71 -16.98 11.02 5.34
C TYR B 71 -17.25 10.30 6.66
N GLU B 72 -16.21 9.68 7.20
CA GLU B 72 -16.37 8.79 8.35
C GLU B 72 -16.10 9.56 9.64
N ARG B 73 -17.12 10.33 10.02
CA ARG B 73 -17.07 11.23 11.15
C ARG B 73 -16.69 10.49 12.42
N ASN B 74 -15.83 11.08 13.23
CA ASN B 74 -15.34 10.47 14.47
C ASN B 74 -14.40 9.26 14.26
N ILE B 75 -14.13 8.87 13.01
CA ILE B 75 -13.31 7.68 12.72
C ILE B 75 -12.06 8.03 11.91
N GLU B 76 -12.27 8.54 10.70
CA GLU B 76 -11.15 9.00 9.88
C GLU B 76 -10.54 10.32 10.35
N LYS B 77 -9.27 10.49 10.03
CA LYS B 77 -8.63 11.79 10.13
C LYS B 77 -8.11 12.21 8.75
N ILE B 78 -8.20 13.51 8.47
CA ILE B 78 -7.78 14.08 7.19
C ILE B 78 -6.63 15.03 7.48
N SER B 79 -5.51 14.81 6.80
CA SER B 79 -4.27 15.55 7.03
C SER B 79 -3.83 16.26 5.77
N MET B 80 -3.27 17.44 5.95
CA MET B 80 -2.68 18.22 4.87
C MET B 80 -1.22 17.86 4.80
N LEU B 81 -0.63 18.09 3.63
CA LEU B 81 0.75 17.73 3.38
C LEU B 81 1.68 18.90 3.56
N GLU B 82 2.75 18.68 4.30
CA GLU B 82 3.85 19.64 4.42
C GLU B 82 4.80 19.56 3.22
N LYS B 83 5.24 18.35 2.88
CA LYS B 83 6.25 18.18 1.83
C LYS B 83 6.18 16.79 1.18
N ILE B 84 6.43 16.76 -0.14
CA ILE B 84 6.51 15.53 -0.91
C ILE B 84 7.97 15.29 -1.25
N TYR B 85 8.38 14.03 -1.15
CA TYR B 85 9.72 13.60 -1.58
C TYR B 85 9.61 12.43 -2.55
N ILE B 86 10.03 12.64 -3.80
CA ILE B 86 10.00 11.58 -4.80
C ILE B 86 11.40 11.00 -4.90
N HIS B 87 11.54 9.67 -4.96
CA HIS B 87 12.88 9.10 -5.14
C HIS B 87 13.56 9.79 -6.34
N PRO B 88 14.79 10.30 -6.15
CA PRO B 88 15.44 10.99 -7.26
C PRO B 88 15.72 10.11 -8.50
N ARG B 89 15.79 8.79 -8.34
CA ARG B 89 16.00 7.90 -9.50
C ARG B 89 14.77 7.08 -9.87
N TYR B 90 13.59 7.54 -9.47
CA TYR B 90 12.31 7.00 -9.97
C TYR B 90 12.33 7.04 -11.50
N ASN B 91 12.14 5.88 -12.13
CA ASN B 91 12.20 5.76 -13.58
C ASN B 91 10.82 5.72 -14.23
N TRP B 92 10.23 6.89 -14.44
CA TRP B 92 8.91 6.99 -15.09
C TRP B 92 8.93 6.79 -16.58
N ARG B 93 10.12 6.85 -17.18
CA ARG B 93 10.29 6.74 -18.63
C ARG B 93 10.19 5.31 -19.13
N GLU B 94 10.71 4.37 -18.36
CA GLU B 94 10.87 3.00 -18.83
C GLU B 94 9.95 1.97 -18.15
N ASN B 95 10.12 1.81 -16.82
CA ASN B 95 9.57 0.65 -16.12
C ASN B 95 9.08 0.87 -14.68
N LEU B 96 9.05 2.13 -14.24
CA LEU B 96 8.73 2.50 -12.85
C LEU B 96 9.69 1.92 -11.81
N ASP B 97 10.93 1.70 -12.21
CA ASP B 97 11.99 1.37 -11.27
C ASP B 97 11.99 2.44 -10.17
N ARG B 98 12.01 1.99 -8.92
CA ARG B 98 11.99 2.85 -7.74
C ARG B 98 10.70 3.66 -7.64
N ASP B 99 9.56 2.98 -7.79
CA ASP B 99 8.26 3.63 -7.68
C ASP B 99 7.94 3.85 -6.20
N ILE B 100 8.55 4.88 -5.63
CA ILE B 100 8.43 5.20 -4.21
C ILE B 100 8.45 6.71 -3.95
N ALA B 101 7.70 7.14 -2.93
CA ALA B 101 7.63 8.52 -2.52
C ALA B 101 7.20 8.58 -1.06
N LEU B 102 7.71 9.59 -0.35
CA LEU B 102 7.31 9.86 1.01
C LEU B 102 6.50 11.16 1.05
N MET B 103 5.54 11.24 1.96
CA MET B 103 4.80 12.47 2.21
C MET B 103 4.85 12.78 3.71
N LYS B 104 5.36 13.96 4.07
CA LYS B 104 5.37 14.41 5.46
C LYS B 104 4.11 15.22 5.73
N LEU B 105 3.39 14.90 6.81
CA LEU B 105 2.16 15.61 7.15
C LEU B 105 2.47 16.91 7.88
N LYS B 106 1.56 17.89 7.83
CA LYS B 106 1.77 19.16 8.52
C LYS B 106 1.82 18.98 10.04
N LYS B 107 0.92 18.15 10.56
CA LYS B 107 0.86 17.83 12.00
C LYS B 107 0.79 16.32 12.20
N PRO B 108 1.23 15.82 13.35
CA PRO B 108 1.06 14.39 13.58
C PRO B 108 -0.41 14.00 13.62
N VAL B 109 -0.71 12.79 13.13
CA VAL B 109 -2.06 12.23 13.24
C VAL B 109 -2.08 11.46 14.57
N ALA B 110 -3.21 11.48 15.26
CA ALA B 110 -3.34 10.72 16.50
C ALA B 110 -3.77 9.28 16.19
N PHE B 111 -3.11 8.33 16.86
CA PHE B 111 -3.42 6.91 16.70
C PHE B 111 -4.72 6.57 17.45
N SER B 112 -5.38 5.52 16.97
CA SER B 112 -6.68 5.09 17.46
C SER B 112 -6.82 3.61 17.13
N ASP B 113 -8.02 3.06 17.37
CA ASP B 113 -8.36 1.70 16.96
C ASP B 113 -8.27 1.50 15.43
N TYR B 114 -8.44 2.59 14.67
CA TYR B 114 -8.60 2.54 13.23
C TYR B 114 -7.38 3.09 12.46
N ILE B 115 -6.48 3.73 13.21
CA ILE B 115 -5.31 4.44 12.70
C ILE B 115 -4.06 3.98 13.46
N HIS B 116 -3.15 3.28 12.77
CA HIS B 116 -1.97 2.73 13.43
C HIS B 116 -0.89 2.38 12.41
N PRO B 117 0.38 2.71 12.71
CA PRO B 117 1.42 2.47 11.71
C PRO B 117 1.86 1.02 11.48
N VAL B 118 2.25 0.72 10.25
CA VAL B 118 2.81 -0.58 9.89
C VAL B 118 4.33 -0.50 10.08
N CYS B 119 4.97 -1.64 10.28
CA CYS B 119 6.42 -1.73 10.39
C CYS B 119 7.08 -1.73 9.03
N LEU B 120 8.30 -1.22 8.98
CA LEU B 120 9.16 -1.34 7.80
C LEU B 120 10.16 -2.43 8.09
N PRO B 121 10.40 -3.32 7.11
CA PRO B 121 11.24 -4.48 7.34
C PRO B 121 12.74 -4.15 7.50
N ASP B 122 13.40 -4.97 8.31
CA ASP B 122 14.85 -4.98 8.40
C ASP B 122 15.33 -6.00 7.38
N ARG B 123 16.64 -6.04 7.15
CA ARG B 123 17.22 -6.99 6.20
C ARG B 123 16.80 -8.44 6.43
N GLU B 124 16.71 -8.84 7.70
CA GLU B 124 16.47 -10.24 8.04
C GLU B 124 15.01 -10.63 7.80
N THR B 125 14.11 -9.69 8.05
CA THR B 125 12.70 -9.92 7.81
C THR B 125 12.45 -10.06 6.29
N ALA B 126 13.10 -9.25 5.49
CA ALA B 126 13.01 -9.34 4.05
C ALA B 126 13.55 -10.68 3.57
N ALA B 127 14.74 -11.04 4.04
CA ALA B 127 15.39 -12.27 3.63
C ALA B 127 14.49 -13.46 3.92
N SER B 128 13.93 -13.47 5.12
CA SER B 128 13.13 -14.57 5.61
C SER B 128 11.74 -14.70 4.94
N LEU B 129 11.06 -13.59 4.70
CA LEU B 129 9.67 -13.64 4.25
C LEU B 129 9.47 -13.46 2.73
N LEU B 130 10.42 -12.81 2.04
CA LEU B 130 10.27 -12.53 0.60
C LEU B 130 10.72 -13.73 -0.21
N GLN B 131 9.89 -14.77 -0.17
CA GLN B 131 10.19 -16.03 -0.79
C GLN B 131 9.01 -16.44 -1.62
N ALA B 132 9.30 -16.99 -2.80
CA ALA B 132 8.25 -17.52 -3.67
C ALA B 132 7.36 -18.47 -2.89
N GLY B 133 6.05 -18.37 -3.09
CA GLY B 133 5.10 -19.21 -2.36
C GLY B 133 4.52 -18.55 -1.12
N TYR B 134 5.34 -17.74 -0.42
CA TYR B 134 4.87 -17.01 0.75
C TYR B 134 3.87 -15.95 0.31
N LYS B 135 2.77 -15.85 1.04
CA LYS B 135 1.69 -14.93 0.73
C LYS B 135 1.79 -13.63 1.52
N GLY B 136 1.52 -12.52 0.83
CA GLY B 136 1.31 -11.25 1.50
C GLY B 136 -0.11 -10.81 1.27
N ARG B 137 -0.41 -9.57 1.67
CA ARG B 137 -1.77 -9.03 1.61
C ARG B 137 -1.85 -7.65 1.01
N VAL B 138 -2.80 -7.46 0.10
CA VAL B 138 -2.97 -6.19 -0.59
C VAL B 138 -4.34 -5.64 -0.29
N THR B 139 -4.42 -4.35 0.02
CA THR B 139 -5.67 -3.69 0.31
C THR B 139 -5.80 -2.38 -0.48
N GLY B 140 -7.03 -2.01 -0.83
CA GLY B 140 -7.28 -0.75 -1.51
C GLY B 140 -8.74 -0.54 -1.88
N TRP B 141 -9.04 0.66 -2.41
CA TRP B 141 -10.37 1.04 -2.81
C TRP B 141 -10.48 1.14 -4.35
N GLY B 142 -9.53 0.56 -5.07
CA GLY B 142 -9.54 0.63 -6.52
C GLY B 142 -10.55 -0.28 -7.19
N ASN B 143 -10.54 -0.25 -8.53
CA ASN B 143 -11.54 -0.98 -9.31
C ASN B 143 -11.70 -2.46 -8.93
N LEU B 144 -12.94 -2.93 -8.98
CA LEU B 144 -13.26 -4.34 -8.74
C LEU B 144 -13.07 -5.21 -9.99
N LYS B 145 -12.99 -4.56 -11.15
CA LYS B 145 -12.77 -5.24 -12.45
C LYS B 145 -11.87 -4.38 -13.36
N GLU B 146 -11.13 -5.02 -14.25
CA GLU B 146 -10.30 -4.29 -15.21
C GLU B 146 -11.10 -3.28 -16.02
N GLY B 155 -17.75 -2.54 -10.59
CA GLY B 155 -17.35 -1.14 -10.65
C GLY B 155 -16.34 -0.74 -9.58
N GLN B 156 -16.81 0.05 -8.62
CA GLN B 156 -16.02 0.54 -7.50
C GLN B 156 -16.57 -0.03 -6.19
N PRO B 157 -15.69 -0.28 -5.21
CA PRO B 157 -16.18 -0.91 -3.98
C PRO B 157 -16.85 0.07 -3.04
N SER B 158 -17.84 -0.39 -2.30
CA SER B 158 -18.38 0.37 -1.19
C SER B 158 -17.37 0.47 -0.05
N VAL B 159 -16.67 -0.63 0.24
CA VAL B 159 -15.69 -0.60 1.33
C VAL B 159 -14.31 -1.15 0.93
N LEU B 160 -13.33 -0.85 1.78
CA LEU B 160 -11.95 -1.27 1.58
C LEU B 160 -11.92 -2.75 1.29
N GLN B 161 -11.22 -3.10 0.21
CA GLN B 161 -11.11 -4.50 -0.20
C GLN B 161 -9.77 -5.06 0.22
N VAL B 162 -9.69 -6.39 0.28
CA VAL B 162 -8.48 -7.10 0.68
C VAL B 162 -8.34 -8.38 -0.13
N VAL B 163 -7.10 -8.77 -0.43
CA VAL B 163 -6.83 -10.07 -1.03
C VAL B 163 -5.43 -10.50 -0.60
N ASN B 164 -5.29 -11.80 -0.30
CA ASN B 164 -3.99 -12.44 -0.04
C ASN B 164 -3.45 -13.09 -1.30
N LEU B 165 -2.17 -12.86 -1.62
CA LEU B 165 -1.58 -13.33 -2.87
C LEU B 165 -0.15 -13.81 -2.65
N PRO B 166 0.22 -14.92 -3.32
CA PRO B 166 1.57 -15.48 -3.15
C PRO B 166 2.61 -14.75 -3.98
N ILE B 167 3.79 -14.61 -3.39
CA ILE B 167 4.96 -14.08 -4.11
C ILE B 167 5.34 -15.09 -5.17
N VAL B 168 5.71 -14.57 -6.34
CA VAL B 168 6.02 -15.38 -7.50
C VAL B 168 7.54 -15.35 -7.76
N GLU B 169 8.07 -16.46 -8.24
CA GLU B 169 9.48 -16.63 -8.56
C GLU B 169 9.91 -15.62 -9.62
N ARG B 170 11.14 -15.13 -9.51
CA ARG B 170 11.62 -14.07 -10.38
C ARG B 170 11.57 -14.41 -11.88
N PRO B 171 11.99 -15.63 -12.27
CA PRO B 171 11.88 -16.01 -13.68
C PRO B 171 10.46 -16.03 -14.24
N VAL B 172 9.47 -16.42 -13.43
CA VAL B 172 8.08 -16.39 -13.87
C VAL B 172 7.58 -14.93 -14.01
N CYS B 173 7.93 -14.05 -13.06
CA CYS B 173 7.58 -12.62 -13.19
C CYS B 173 8.04 -12.02 -14.54
N LYS B 174 9.33 -12.22 -14.81
CA LYS B 174 9.99 -11.74 -16.02
C LYS B 174 9.45 -12.31 -17.30
N ASP B 175 9.17 -13.61 -17.28
CA ASP B 175 8.62 -14.30 -18.44
C ASP B 175 7.17 -13.95 -18.68
N SER B 176 6.55 -13.21 -17.75
CA SER B 176 5.14 -12.82 -17.90
C SER B 176 4.95 -11.54 -18.71
N THR B 177 6.04 -10.82 -18.94
CA THR B 177 5.97 -9.46 -19.44
C THR B 177 7.16 -9.10 -20.33
N ARG B 178 6.95 -8.11 -21.20
CA ARG B 178 8.03 -7.51 -22.02
C ARG B 178 8.75 -6.38 -21.30
N ILE B 179 8.13 -5.86 -20.24
CA ILE B 179 8.78 -4.84 -19.40
C ILE B 179 10.04 -5.39 -18.75
N ARG B 180 11.09 -4.58 -18.71
CA ARG B 180 12.32 -4.95 -18.00
C ARG B 180 12.14 -4.86 -16.48
N ILE B 181 12.29 -5.99 -15.81
CA ILE B 181 12.09 -6.07 -14.37
C ILE B 181 13.41 -5.81 -13.63
N THR B 182 13.38 -4.97 -12.59
CA THR B 182 14.60 -4.67 -11.79
C THR B 182 14.59 -5.38 -10.41
N ASP B 183 15.73 -5.35 -9.72
CA ASP B 183 15.85 -5.84 -8.35
C ASP B 183 15.01 -5.03 -7.34
N ASN B 184 14.51 -3.86 -7.74
CA ASN B 184 13.67 -3.07 -6.84
C ASN B 184 12.17 -3.39 -7.00
N MET B 185 11.85 -4.54 -7.61
CA MET B 185 10.47 -4.98 -7.84
C MET B 185 10.34 -6.44 -7.48
N PHE B 186 9.13 -6.88 -7.14
CA PHE B 186 8.82 -8.29 -7.12
C PHE B 186 7.38 -8.41 -7.61
N CYS B 187 6.97 -9.60 -8.03
CA CYS B 187 5.58 -9.77 -8.44
C CYS B 187 4.91 -10.80 -7.54
N ALA B 188 3.57 -10.77 -7.56
CA ALA B 188 2.77 -11.66 -6.78
C ALA B 188 1.43 -11.90 -7.48
N GLY B 189 0.82 -13.03 -7.15
CA GLY B 189 -0.38 -13.46 -7.83
C GLY B 189 -0.33 -14.94 -8.03
N TYR B 190 -1.52 -15.51 -8.26
CA TYR B 190 -1.66 -16.92 -8.55
C TYR B 190 -1.40 -17.18 -10.03
N LYS B 191 -0.96 -18.39 -10.31
CA LYS B 191 -0.76 -18.89 -11.66
C LYS B 191 -2.13 -19.33 -12.20
N PRO B 192 -2.25 -19.50 -13.52
CA PRO B 192 -3.51 -20.02 -14.07
C PRO B 192 -3.85 -21.42 -13.59
N ASP B 193 -2.83 -22.23 -13.33
CA ASP B 193 -3.03 -23.58 -12.83
C ASP B 193 -3.61 -23.59 -11.40
N GLU B 194 -3.25 -22.57 -10.61
CA GLU B 194 -3.56 -22.54 -9.17
C GLU B 194 -5.04 -22.39 -8.80
N GLY B 195 -5.87 -21.95 -9.74
CA GLY B 195 -7.32 -21.86 -9.52
C GLY B 195 -7.81 -20.55 -8.92
N LYS B 196 -7.22 -20.16 -7.80
CA LYS B 196 -7.58 -18.92 -7.11
C LYS B 196 -7.12 -17.74 -7.96
N ARG B 197 -7.72 -16.59 -7.68
CA ARG B 197 -7.49 -15.39 -8.44
C ARG B 197 -7.27 -14.19 -7.51
N GLY B 198 -7.00 -13.04 -8.10
CA GLY B 198 -6.90 -11.81 -7.34
C GLY B 198 -5.72 -10.97 -7.80
N ASP B 199 -5.89 -9.66 -7.68
CA ASP B 199 -4.89 -8.70 -8.16
C ASP B 199 -5.28 -7.32 -7.62
N ALA B 200 -4.33 -6.39 -7.63
CA ALA B 200 -4.64 -4.98 -7.52
C ALA B 200 -5.16 -4.47 -8.87
N CYS B 201 -5.81 -3.31 -8.85
CA CYS B 201 -6.31 -2.64 -10.06
C CYS B 201 -6.33 -1.13 -9.84
N GLU B 202 -6.67 -0.38 -10.88
CA GLU B 202 -6.60 1.08 -10.87
C GLU B 202 -7.29 1.66 -9.62
N GLY B 203 -6.59 2.59 -8.97
CA GLY B 203 -6.94 3.11 -7.65
C GLY B 203 -6.21 2.49 -6.46
N ASP B 204 -5.71 1.27 -6.63
CA ASP B 204 -5.05 0.53 -5.56
C ASP B 204 -3.60 0.91 -5.41
N SER B 205 -3.03 1.50 -6.45
CA SER B 205 -1.59 1.72 -6.48
C SER B 205 -1.17 2.70 -5.37
N GLY B 206 0.07 2.56 -4.92
CA GLY B 206 0.56 3.28 -3.75
C GLY B 206 0.20 2.65 -2.41
N GLY B 207 -0.76 1.73 -2.40
CA GLY B 207 -1.11 0.98 -1.19
C GLY B 207 -0.09 -0.08 -0.86
N PRO B 208 -0.21 -0.68 0.33
CA PRO B 208 0.78 -1.62 0.85
C PRO B 208 0.55 -3.12 0.56
N PHE B 209 1.65 -3.82 0.26
CA PHE B 209 1.72 -5.30 0.28
C PHE B 209 2.36 -5.61 1.61
N VAL B 210 1.59 -6.22 2.52
CA VAL B 210 2.06 -6.47 3.87
C VAL B 210 2.14 -7.96 4.11
N MET B 211 2.99 -8.33 5.06
CA MET B 211 3.12 -9.71 5.51
C MET B 211 3.14 -9.73 7.02
N LYS B 212 2.57 -10.76 7.62
CA LYS B 212 2.62 -10.90 9.11
C LYS B 212 3.77 -11.81 9.52
N SER B 213 4.74 -11.26 10.23
CA SER B 213 5.89 -12.02 10.67
C SER B 213 5.46 -13.14 11.63
N PRO B 214 5.87 -14.39 11.34
CA PRO B 214 5.58 -15.49 12.28
C PRO B 214 6.47 -15.50 13.52
N PHE B 215 7.52 -14.67 13.52
CA PHE B 215 8.48 -14.57 14.59
C PHE B 215 8.03 -13.64 15.72
N ASN B 216 7.50 -12.47 15.37
CA ASN B 216 7.10 -11.48 16.37
C ASN B 216 5.65 -10.99 16.25
N ASN B 217 4.89 -11.65 15.39
CA ASN B 217 3.48 -11.36 15.14
C ASN B 217 3.13 -9.91 14.71
N ARG B 218 4.10 -9.24 14.09
CA ARG B 218 3.91 -7.87 13.60
C ARG B 218 3.69 -7.83 12.10
N TRP B 219 2.96 -6.83 11.63
CA TRP B 219 2.79 -6.64 10.18
C TRP B 219 3.90 -5.75 9.64
N TYR B 220 4.56 -6.23 8.59
CA TYR B 220 5.60 -5.49 7.87
C TYR B 220 5.14 -5.17 6.46
N GLN B 221 5.41 -3.94 6.03
CA GLN B 221 5.16 -3.58 4.62
C GLN B 221 6.33 -3.98 3.75
N MET B 222 6.14 -5.02 2.95
CA MET B 222 7.20 -5.52 2.09
C MET B 222 7.15 -4.87 0.71
N GLY B 223 5.95 -4.46 0.27
CA GLY B 223 5.83 -3.90 -1.08
C GLY B 223 4.87 -2.72 -1.19
N ILE B 224 4.98 -1.98 -2.30
CA ILE B 224 4.03 -0.94 -2.64
C ILE B 224 3.41 -1.31 -3.97
N VAL B 225 2.10 -1.23 -4.07
CA VAL B 225 1.40 -1.53 -5.30
C VAL B 225 1.93 -0.55 -6.36
N SER B 226 2.54 -1.09 -7.42
CA SER B 226 3.22 -0.28 -8.42
C SER B 226 2.55 -0.38 -9.79
N TRP B 227 2.54 -1.55 -10.40
CA TRP B 227 1.90 -1.69 -11.72
C TRP B 227 1.49 -3.09 -12.09
N GLY B 228 0.56 -3.15 -13.04
CA GLY B 228 0.29 -4.37 -13.78
C GLY B 228 -0.09 -4.05 -15.22
N GLU B 229 -0.32 -5.10 -16.00
CA GLU B 229 -0.84 -5.01 -17.35
C GLU B 229 -2.26 -5.61 -17.36
N GLY B 230 -3.25 -4.73 -17.36
CA GLY B 230 -4.61 -5.13 -17.01
C GLY B 230 -4.71 -5.45 -15.52
N CYS B 231 -5.77 -6.16 -15.14
CA CYS B 231 -6.01 -6.52 -13.76
C CYS B 231 -6.53 -7.94 -13.71
N ASP B 232 -5.88 -8.77 -12.91
CA ASP B 232 -6.25 -10.17 -12.75
C ASP B 232 -6.34 -10.94 -14.07
N ARG B 233 -5.42 -10.67 -14.99
CA ARG B 233 -5.35 -11.46 -16.23
C ARG B 233 -4.57 -12.74 -15.99
N ASP B 234 -5.02 -13.85 -16.58
CA ASP B 234 -4.29 -15.13 -16.55
C ASP B 234 -2.88 -15.00 -17.11
N GLY B 235 -1.88 -15.49 -16.37
CA GLY B 235 -0.49 -15.44 -16.80
C GLY B 235 0.22 -14.10 -16.60
N LYS B 236 -0.50 -13.12 -16.06
CA LYS B 236 0.09 -11.84 -15.68
C LYS B 236 0.11 -11.70 -14.16
N TYR B 237 0.95 -10.80 -13.65
CA TYR B 237 1.12 -10.64 -12.22
C TYR B 237 1.16 -9.16 -11.84
N GLY B 238 0.86 -8.90 -10.57
CA GLY B 238 0.98 -7.56 -10.03
C GLY B 238 2.44 -7.31 -9.70
N PHE B 239 2.92 -6.12 -10.00
CA PHE B 239 4.29 -5.76 -9.63
C PHE B 239 4.31 -4.76 -8.51
N TYR B 240 5.22 -4.99 -7.56
CA TYR B 240 5.29 -4.22 -6.30
C TYR B 240 6.65 -3.62 -6.06
N THR B 241 6.72 -2.36 -5.61
CA THR B 241 8.02 -1.80 -5.22
C THR B 241 8.60 -2.57 -4.04
N HIS B 242 9.86 -2.97 -4.15
CA HIS B 242 10.56 -3.71 -3.09
C HIS B 242 11.03 -2.75 -2.00
N VAL B 243 10.26 -2.66 -0.90
CA VAL B 243 10.50 -1.69 0.14
C VAL B 243 11.87 -1.80 0.87
N PHE B 244 12.27 -2.99 1.27
CA PHE B 244 13.55 -3.08 1.96
C PHE B 244 14.70 -2.58 1.06
N ARG B 245 14.65 -2.85 -0.23
CA ARG B 245 15.72 -2.43 -1.13
C ARG B 245 15.89 -0.92 -1.21
N LEU B 246 14.83 -0.16 -0.93
CA LEU B 246 14.88 1.30 -0.95
C LEU B 246 14.88 1.91 0.47
N LYS B 247 15.10 1.09 1.49
CA LYS B 247 14.98 1.58 2.86
C LYS B 247 16.05 2.61 3.22
N LYS B 248 17.23 2.53 2.62
CA LYS B 248 18.26 3.55 2.88
C LYS B 248 17.79 4.93 2.44
N TRP B 249 17.16 5.01 1.28
CA TRP B 249 16.59 6.28 0.84
C TRP B 249 15.48 6.75 1.80
N ILE B 250 14.63 5.83 2.25
CA ILE B 250 13.56 6.15 3.21
C ILE B 250 14.16 6.75 4.49
N GLN B 251 15.19 6.09 5.04
CA GLN B 251 15.81 6.53 6.29
C GLN B 251 16.55 7.86 6.13
N LYS B 252 17.18 8.06 4.97
CA LYS B 252 17.86 9.31 4.66
C LYS B 252 16.88 10.47 4.58
N VAL B 253 15.73 10.26 3.95
CA VAL B 253 14.73 11.33 3.89
C VAL B 253 14.18 11.66 5.28
N ILE B 254 13.85 10.64 6.05
CA ILE B 254 13.26 10.84 7.36
C ILE B 254 14.26 11.48 8.33
N ASP B 255 15.49 10.97 8.37
CA ASP B 255 16.53 11.52 9.24
C ASP B 255 16.75 13.01 8.98
N GLN B 256 16.85 13.36 7.71
CA GLN B 256 17.19 14.71 7.24
C GLN B 256 16.06 15.70 7.47
N PHE B 257 14.86 15.38 6.99
CA PHE B 257 13.74 16.33 6.98
C PHE B 257 12.72 16.09 8.08
N GLY B 258 12.88 15.00 8.83
CA GLY B 258 12.00 14.69 9.96
C GLY B 258 12.54 15.34 11.21
N GLU B 259 11.63 15.64 12.14
CA GLU B 259 11.97 16.41 13.34
C GLU B 259 12.33 15.44 14.46
N ASP C 2 -19.95 11.47 -6.53
CA ASP C 2 -19.61 10.11 -6.03
C ASP C 2 -19.26 10.21 -4.53
N PHE C 3 -18.34 11.11 -4.20
CA PHE C 3 -17.82 11.22 -2.84
C PHE C 3 -18.62 12.18 -1.95
N GLU C 4 -18.87 11.77 -0.72
CA GLU C 4 -19.48 12.64 0.25
C GLU C 4 -18.54 13.77 0.59
N GLU C 5 -19.14 14.96 0.67
CA GLU C 5 -18.53 16.21 1.10
C GLU C 5 -17.68 16.03 2.36
N ILE C 6 -16.42 16.46 2.31
CA ILE C 6 -15.59 16.49 3.51
C ILE C 6 -15.72 17.90 4.08
N PRO C 7 -15.53 18.06 5.41
CA PRO C 7 -15.59 19.38 6.01
C PRO C 7 -14.68 20.41 5.35
N GLU C 8 -15.17 21.66 5.27
CA GLU C 8 -14.51 22.73 4.54
C GLU C 8 -13.14 23.08 5.12
N GLU C 9 -12.98 22.94 6.43
CA GLU C 9 -11.70 23.20 7.09
C GLU C 9 -10.56 22.44 6.42
N TYS C 10 -10.84 21.28 5.86
CA TYS C 10 -9.81 20.45 5.25
CB TYS C 10 -10.25 18.98 5.23
CG TYS C 10 -10.47 18.43 6.63
CD1 TYS C 10 -11.70 17.90 7.01
CD2 TYS C 10 -9.46 18.50 7.59
CE1 TYS C 10 -11.90 17.43 8.29
CE2 TYS C 10 -9.65 18.02 8.87
CZ TYS C 10 -10.87 17.48 9.22
OH TYS C 10 -11.08 17.02 10.50
S TYS C 10 -10.92 15.41 10.66
O1 TYS C 10 -9.45 15.11 10.54
O2 TYS C 10 -11.72 14.61 9.65
O3 TYS C 10 -11.33 15.09 12.08
C TYS C 10 -9.42 20.95 3.85
O TYS C 10 -8.29 20.71 3.40
N LEU C 11 -10.33 21.69 3.20
CA LEU C 11 -10.11 22.20 1.85
C LEU C 11 -9.57 23.65 1.87
N GLN C 12 -9.27 24.23 2.92
S DMS D . 14.10 -13.35 11.90
O DMS D . 15.49 -12.28 12.28
C1 DMS D . 14.55 -15.08 11.75
C2 DMS D . 13.69 -13.01 10.16
NA NA E . -2.89 -13.04 -13.02
S DMS F . -3.33 4.12 -10.42
O DMS F . -4.45 5.54 -10.42
C1 DMS F . -3.81 3.01 -9.11
C2 DMS F . -1.72 4.73 -9.93
C1 C4M G . 6.19 3.63 -16.94
O2 C4M G . 6.07 2.20 -16.87
C3 C4M G . 4.78 1.77 -17.04
C4 C4M G . 3.77 2.70 -17.21
C5 C4M G . 2.45 2.31 -17.39
C6 C4M G . 1.45 3.43 -17.58
C7 C4M G . 2.11 0.97 -17.42
C8 C4M G . 3.12 0.01 -17.23
C9 C4M G . 2.81 -1.46 -17.23
C10 C4M G . 4.45 0.42 -17.05
C11 C4M G . 5.53 -0.62 -16.87
S12 C4M G . 0.42 0.47 -17.65
O13 C4M G . -0.30 1.65 -18.00
O14 C4M G . 0.47 -0.67 -18.49
N15 C4M G . -0.24 0.01 -16.22
C16 C4M G . -0.42 0.99 -15.14
C17 C4M G . -1.49 0.45 -14.18
O18 C4M G . -0.99 -0.68 -13.45
C19 C4M G . -1.93 1.55 -13.22
N20 C4M G . -2.96 1.01 -12.33
C21 C4M G . -0.75 2.02 -12.35
C22 C4M G . 0.03 3.14 -12.99
C23 C4M G . 1.42 3.05 -13.06
C24 C4M G . 2.19 4.06 -13.62
C25 C4M G . 1.55 5.19 -14.12
C26 C4M G . 0.17 5.29 -14.06
C27 C4M G . -0.60 4.27 -13.49
#